data_9REF
#
_entry.id   9REF
#
_cell.length_a   51.868
_cell.length_b   71.728
_cell.length_c   98.683
_cell.angle_alpha   90.000
_cell.angle_beta   90.000
_cell.angle_gamma   90.000
#
_symmetry.space_group_name_H-M   'P 21 21 21'
#
loop_
_entity.id
_entity.type
_entity.pdbx_description
1 polymer 'cAMP-dependent protein kinase catalytic subunit alpha'
2 non-polymer 'TETRAETHYLENE GLYCOL'
3 non-polymer 2-amino-1,4-anhydro-2,5-dideoxy-5-[(4-fluorobenzene-1-carbonyl)amino]-D-arabinitol
4 non-polymer 'DIMETHYL SULFOXIDE'
5 water water
#
_entity_poly.entity_id   1
_entity_poly.type   'polypeptide(L)'
_entity_poly.pdbx_seq_one_letter_code
;GHMGNAAAAKKGSEQESVKEFLAKAKEEFLKKWESPSQNTAQLDHFDRIKTLGTGSFGRVMLVKHKETGNHYAMKILDKQ
KVVKLKQIEHTLNEKRILQAVNFPFLVKLEFSFKDNSNLYMVMEYVPGGEMFSHLRRIGRF(SEP)EPHARFYAAQIVLT
FEYLHSLDLIYRDLKPENLLIDQQGYIQVTDFGFAKRVKGRTW(TPO)LCGTPEYLAPEIILSKGYNKAVDWWALGVLIY
EMAAGYPPFFADQPIQIYEKIVSGKVRFPSHFSSDLKDLLRNLLQVDLTKRFGNLKNGVNDIKNHKWFATTDWIAIYQRK
VEAPFIPKFKGPGDTSNFDDYEEEEIRV(SEP)INEKCGKEFTEF
;
_entity_poly.pdbx_strand_id   A
#
loop_
_chem_comp.id
_chem_comp.type
_chem_comp.name
_chem_comp.formula
D8J non-polymer 2-amino-1,4-anhydro-2,5-dideoxy-5-[(4-fluorobenzene-1-carbonyl)amino]-D-arabinitol 'C12 H15 F N2 O3'
DMS non-polymer 'DIMETHYL SULFOXIDE' 'C2 H6 O S'
PG4 non-polymer 'TETRAETHYLENE GLYCOL' 'C8 H18 O5'
#
# COMPACT_ATOMS: atom_id res chain seq x y z
N GLN A 15 -16.88 1.31 -20.83
CA GLN A 15 -18.08 1.67 -20.06
C GLN A 15 -18.02 3.14 -19.70
N GLU A 16 -18.92 3.95 -20.28
CA GLU A 16 -18.87 5.39 -20.07
C GLU A 16 -18.95 5.78 -18.60
N SER A 17 -19.64 4.99 -17.79
N SER A 17 -19.63 4.98 -17.78
CA SER A 17 -19.76 5.31 -16.36
CA SER A 17 -19.75 5.35 -16.37
C SER A 17 -18.41 5.24 -15.66
C SER A 17 -18.42 5.22 -15.63
N VAL A 18 -17.62 4.19 -15.95
CA VAL A 18 -16.27 4.11 -15.40
C VAL A 18 -15.39 5.21 -15.98
N LYS A 19 -15.49 5.46 -17.28
CA LYS A 19 -14.67 6.49 -17.91
C LYS A 19 -14.95 7.86 -17.30
N GLU A 20 -16.21 8.20 -17.09
CA GLU A 20 -16.49 9.52 -16.54
C GLU A 20 -16.08 9.60 -15.07
N PHE A 21 -16.23 8.50 -14.32
CA PHE A 21 -15.71 8.45 -12.96
C PHE A 21 -14.20 8.74 -12.93
N LEU A 22 -13.43 8.04 -13.77
CA LEU A 22 -11.98 8.24 -13.75
C LEU A 22 -11.58 9.61 -14.26
N ALA A 23 -12.32 10.20 -15.22
CA ALA A 23 -12.00 11.55 -15.67
C ALA A 23 -12.18 12.56 -14.54
N LYS A 24 -13.28 12.45 -13.80
CA LYS A 24 -13.48 13.33 -12.64
C LYS A 24 -12.42 13.08 -11.56
N ALA A 25 -12.08 11.81 -11.33
CA ALA A 25 -11.05 11.51 -10.34
C ALA A 25 -9.73 12.19 -10.68
N LYS A 26 -9.37 12.21 -11.98
CA LYS A 26 -8.12 12.84 -12.39
C LYS A 26 -8.16 14.37 -12.27
N GLU A 27 -9.27 15.00 -12.69
CA GLU A 27 -9.45 16.44 -12.47
C GLU A 27 -9.26 16.83 -11.00
N GLU A 28 -9.91 16.09 -10.09
CA GLU A 28 -9.84 16.44 -8.67
C GLU A 28 -8.43 16.24 -8.12
N PHE A 29 -7.77 15.14 -8.51
CA PHE A 29 -6.39 14.90 -8.11
C PHE A 29 -5.47 16.02 -8.62
N LEU A 30 -5.61 16.42 -9.90
CA LEU A 30 -4.67 17.40 -10.45
C LEU A 30 -4.80 18.75 -9.75
N LYS A 31 -6.02 19.16 -9.38
CA LYS A 31 -6.16 20.44 -8.71
C LYS A 31 -5.37 20.46 -7.38
N LYS A 32 -5.47 19.38 -6.59
CA LYS A 32 -4.70 19.32 -5.35
C LYS A 32 -3.21 19.08 -5.61
N TRP A 33 -2.87 18.30 -6.64
CA TRP A 33 -1.47 18.06 -7.00
C TRP A 33 -0.75 19.36 -7.35
N GLU A 34 -1.43 20.26 -8.05
CA GLU A 34 -0.80 21.50 -8.51
C GLU A 34 -0.72 22.55 -7.42
N SER A 35 -1.55 22.46 -6.37
CA SER A 35 -1.55 23.41 -5.26
C SER A 35 -1.64 22.65 -3.95
N PRO A 36 -0.55 22.03 -3.51
CA PRO A 36 -0.64 21.15 -2.32
C PRO A 36 -0.91 21.93 -1.04
N SER A 37 -1.69 21.30 -0.14
CA SER A 37 -1.84 21.89 1.19
C SER A 37 -0.57 21.70 2.01
N GLN A 38 -0.33 22.66 2.91
CA GLN A 38 0.86 22.69 3.77
C GLN A 38 0.46 23.22 5.14
N ASN A 39 1.13 22.71 6.17
CA ASN A 39 1.11 23.37 7.49
C ASN A 39 -0.30 23.46 8.07
N THR A 40 -1.00 22.31 8.11
CA THR A 40 -2.41 22.33 8.50
C THR A 40 -2.66 21.91 9.96
N ALA A 41 -1.62 21.64 10.74
CA ALA A 41 -1.76 21.37 12.17
C ALA A 41 -0.41 21.68 12.82
N GLN A 42 -0.29 21.40 14.11
CA GLN A 42 0.97 21.52 14.83
C GLN A 42 1.04 20.48 15.96
N LEU A 43 2.26 20.17 16.40
CA LEU A 43 2.47 19.04 17.30
C LEU A 43 1.74 19.20 18.63
N ASP A 44 1.75 20.41 19.18
CA ASP A 44 1.17 20.56 20.52
C ASP A 44 -0.36 20.61 20.52
N HIS A 45 -0.98 20.38 19.37
CA HIS A 45 -2.42 20.13 19.36
C HIS A 45 -2.78 18.67 19.60
N PHE A 46 -1.79 17.79 19.82
CA PHE A 46 -2.01 16.35 19.98
C PHE A 46 -1.33 15.83 21.24
N ASP A 47 -1.97 14.84 21.87
CA ASP A 47 -1.36 14.04 22.94
C ASP A 47 -0.82 12.74 22.33
N ARG A 48 0.37 12.34 22.74
CA ARG A 48 0.99 11.10 22.27
C ARG A 48 0.48 9.93 23.13
N ILE A 49 0.10 8.82 22.50
N ILE A 49 0.07 8.84 22.50
CA ILE A 49 -0.51 7.68 23.17
CA ILE A 49 -0.44 7.67 23.23
C ILE A 49 0.37 6.43 23.16
C ILE A 49 0.52 6.49 23.17
N LYS A 50 0.83 6.00 21.97
CA LYS A 50 1.57 4.75 21.88
C LYS A 50 2.26 4.66 20.52
N THR A 51 3.42 3.99 20.47
CA THR A 51 4.07 3.72 19.18
C THR A 51 3.42 2.50 18.52
N LEU A 52 3.00 2.66 17.27
CA LEU A 52 2.35 1.59 16.52
C LEU A 52 3.28 0.89 15.53
N GLY A 53 4.41 1.50 15.21
CA GLY A 53 5.37 0.92 14.25
C GLY A 53 6.61 1.79 14.18
N THR A 54 7.70 1.18 13.74
CA THR A 54 8.99 1.86 13.63
C THR A 54 9.66 1.57 12.29
N GLY A 55 10.69 2.34 11.98
CA GLY A 55 11.41 2.20 10.73
C GLY A 55 12.77 2.85 10.78
N SER A 56 13.48 2.78 9.65
N SER A 56 13.49 2.77 9.66
CA SER A 56 14.84 3.28 9.59
CA SER A 56 14.86 3.28 9.60
C SER A 56 14.91 4.79 9.78
C SER A 56 14.93 4.80 9.75
N PHE A 57 13.87 5.52 9.39
CA PHE A 57 13.88 6.98 9.52
C PHE A 57 12.63 7.57 10.14
N GLY A 58 11.68 6.74 10.55
CA GLY A 58 10.46 7.25 11.13
C GLY A 58 9.70 6.22 11.94
N ARG A 59 8.62 6.70 12.54
CA ARG A 59 7.74 5.85 13.33
C ARG A 59 6.31 6.33 13.13
N VAL A 60 5.35 5.50 13.51
CA VAL A 60 3.95 5.90 13.51
C VAL A 60 3.43 5.77 14.93
N MET A 61 2.74 6.81 15.37
N MET A 61 2.80 6.84 15.43
CA MET A 61 2.23 6.96 16.73
CA MET A 61 2.27 6.86 16.80
C MET A 61 0.71 7.03 16.70
C MET A 61 0.78 7.11 16.79
N LEU A 62 0.05 6.42 17.68
CA LEU A 62 -1.34 6.78 17.97
C LEU A 62 -1.33 8.07 18.77
N VAL A 63 -2.10 9.07 18.32
CA VAL A 63 -2.25 10.35 19.01
C VAL A 63 -3.73 10.68 19.16
N LYS A 64 -4.02 11.64 20.05
CA LYS A 64 -5.37 12.15 20.26
C LYS A 64 -5.35 13.66 20.11
N HIS A 65 -6.25 14.20 19.31
CA HIS A 65 -6.35 15.66 19.22
C HIS A 65 -6.94 16.22 20.50
N LYS A 66 -6.29 17.25 21.06
CA LYS A 66 -6.66 17.69 22.40
C LYS A 66 -8.04 18.35 22.45
N GLU A 67 -8.46 19.00 21.38
CA GLU A 67 -9.71 19.74 21.43
C GLU A 67 -10.90 18.87 21.03
N THR A 68 -10.77 18.06 19.98
CA THR A 68 -11.88 17.26 19.50
C THR A 68 -11.93 15.87 20.13
N GLY A 69 -10.82 15.39 20.67
CA GLY A 69 -10.73 14.03 21.17
C GLY A 69 -10.57 12.97 20.09
N ASN A 70 -10.46 13.35 18.82
CA ASN A 70 -10.34 12.33 17.77
C ASN A 70 -8.96 11.67 17.81
N HIS A 71 -8.93 10.37 17.48
CA HIS A 71 -7.67 9.64 17.36
C HIS A 71 -7.15 9.65 15.94
N TYR A 72 -5.82 9.67 15.80
CA TYR A 72 -5.16 9.65 14.51
C TYR A 72 -3.88 8.83 14.61
N ALA A 73 -3.37 8.38 13.46
CA ALA A 73 -2.04 7.75 13.38
C ALA A 73 -1.08 8.79 12.80
N MET A 74 -0.11 9.23 13.59
CA MET A 74 0.84 10.27 13.18
C MET A 74 2.17 9.66 12.78
N LYS A 75 2.52 9.81 11.51
CA LYS A 75 3.81 9.34 11.00
C LYS A 75 4.82 10.47 11.18
N ILE A 76 5.94 10.17 11.84
CA ILE A 76 6.97 11.15 12.20
C ILE A 76 8.26 10.73 11.51
N LEU A 77 8.81 11.59 10.64
CA LEU A 77 10.07 11.29 9.95
C LEU A 77 11.14 12.26 10.44
N ASP A 78 12.30 11.73 10.80
CA ASP A 78 13.44 12.57 11.20
C ASP A 78 14.14 13.09 9.93
N LYS A 79 14.12 14.43 9.73
CA LYS A 79 14.67 14.99 8.50
C LYS A 79 16.12 14.58 8.28
N GLN A 80 16.94 14.59 9.33
CA GLN A 80 18.34 14.23 9.15
C GLN A 80 18.50 12.79 8.69
N LYS A 81 17.66 11.88 9.18
CA LYS A 81 17.76 10.48 8.75
C LYS A 81 17.21 10.29 7.34
N VAL A 82 16.19 11.06 6.97
CA VAL A 82 15.66 10.97 5.61
C VAL A 82 16.74 11.33 4.61
N VAL A 83 17.49 12.40 4.91
CA VAL A 83 18.59 12.83 4.05
C VAL A 83 19.66 11.74 3.96
N LYS A 84 20.08 11.20 5.11
CA LYS A 84 21.20 10.25 5.10
C LYS A 84 20.84 8.98 4.34
N LEU A 85 19.60 8.51 4.48
CA LEU A 85 19.11 7.33 3.77
C LEU A 85 18.59 7.64 2.37
N LYS A 86 18.83 8.85 1.87
CA LYS A 86 18.56 9.22 0.47
C LYS A 86 17.08 9.06 0.10
N GLN A 87 16.20 9.40 1.04
CA GLN A 87 14.77 9.32 0.81
C GLN A 87 14.10 10.68 0.62
N ILE A 88 14.85 11.75 0.28
CA ILE A 88 14.22 13.09 0.17
C ILE A 88 13.09 13.09 -0.85
N GLU A 89 13.41 12.75 -2.10
CA GLU A 89 12.40 12.72 -3.16
C GLU A 89 11.22 11.83 -2.78
N HIS A 90 11.50 10.64 -2.26
CA HIS A 90 10.43 9.72 -1.90
C HIS A 90 9.51 10.31 -0.84
N THR A 91 10.07 11.00 0.18
N THR A 91 10.09 11.00 0.16
CA THR A 91 9.20 11.58 1.20
CA THR A 91 9.27 11.60 1.21
C THR A 91 8.39 12.75 0.66
C THR A 91 8.41 12.74 0.66
N LEU A 92 8.96 13.55 -0.25
CA LEU A 92 8.17 14.60 -0.88
C LEU A 92 7.08 14.01 -1.78
N ASN A 93 7.39 12.94 -2.54
CA ASN A 93 6.36 12.22 -3.30
C ASN A 93 5.22 11.79 -2.38
N GLU A 94 5.57 11.11 -1.28
CA GLU A 94 4.57 10.53 -0.38
C GLU A 94 3.55 11.57 0.09
N LYS A 95 4.03 12.70 0.63
CA LYS A 95 3.11 13.70 1.15
C LYS A 95 2.32 14.38 0.03
N ARG A 96 2.98 14.69 -1.10
CA ARG A 96 2.26 15.39 -2.17
C ARG A 96 1.17 14.51 -2.78
N ILE A 97 1.44 13.22 -2.92
CA ILE A 97 0.44 12.30 -3.44
C ILE A 97 -0.69 12.13 -2.43
N LEU A 98 -0.35 11.83 -1.17
CA LEU A 98 -1.40 11.55 -0.18
C LEU A 98 -2.36 12.72 -0.01
N GLN A 99 -1.85 13.97 -0.03
CA GLN A 99 -2.77 15.08 0.14
C GLN A 99 -3.65 15.30 -1.09
N ALA A 100 -3.36 14.64 -2.22
CA ALA A 100 -4.13 14.83 -3.45
C ALA A 100 -5.08 13.71 -3.82
N VAL A 101 -5.00 12.53 -3.19
CA VAL A 101 -5.81 11.39 -3.59
C VAL A 101 -7.05 11.28 -2.72
N ASN A 102 -8.00 10.47 -3.19
CA ASN A 102 -9.28 10.26 -2.51
C ASN A 102 -9.91 8.99 -3.09
N PHE A 103 -9.95 7.90 -2.32
CA PHE A 103 -10.54 6.67 -2.83
C PHE A 103 -10.98 5.83 -1.62
N PRO A 104 -12.04 5.00 -1.73
CA PRO A 104 -12.56 4.35 -0.51
C PRO A 104 -11.58 3.44 0.19
N PHE A 105 -10.57 2.89 -0.51
CA PHE A 105 -9.67 1.89 0.05
C PHE A 105 -8.27 2.45 0.29
N LEU A 106 -8.12 3.78 0.41
CA LEU A 106 -6.86 4.42 0.78
C LEU A 106 -7.00 5.09 2.13
N VAL A 107 -6.03 4.90 3.03
CA VAL A 107 -6.01 5.66 4.29
C VAL A 107 -5.92 7.15 3.94
N LYS A 108 -6.71 7.96 4.66
CA LYS A 108 -6.81 9.40 4.41
C LYS A 108 -5.77 10.18 5.20
N LEU A 109 -5.07 11.09 4.53
CA LEU A 109 -4.22 12.07 5.20
C LEU A 109 -5.12 13.20 5.69
N GLU A 110 -5.08 13.48 6.98
CA GLU A 110 -5.90 14.52 7.59
C GLU A 110 -5.18 15.85 7.77
N PHE A 111 -3.90 15.83 8.16
CA PHE A 111 -3.09 17.04 8.34
C PHE A 111 -1.64 16.72 8.02
N SER A 112 -0.85 17.76 7.74
CA SER A 112 0.60 17.60 7.64
C SER A 112 1.28 18.88 8.13
N PHE A 113 2.52 18.74 8.59
CA PHE A 113 3.30 19.90 9.06
C PHE A 113 4.74 19.44 9.29
N LYS A 114 5.61 20.41 9.55
CA LYS A 114 7.01 20.15 9.85
C LYS A 114 7.47 21.09 10.95
N ASP A 115 8.60 20.76 11.57
CA ASP A 115 9.21 21.65 12.58
C ASP A 115 10.72 21.59 12.37
N ASN A 116 11.49 22.10 13.35
CA ASN A 116 12.93 22.17 13.15
C ASN A 116 13.55 20.82 12.84
N SER A 117 12.97 19.73 13.36
CA SER A 117 13.58 18.41 13.30
C SER A 117 12.83 17.40 12.44
N ASN A 118 11.50 17.44 12.38
CA ASN A 118 10.74 16.33 11.82
C ASN A 118 9.72 16.80 10.78
N LEU A 119 9.29 15.81 9.99
CA LEU A 119 8.13 15.90 9.13
C LEU A 119 7.00 15.08 9.75
N TYR A 120 5.75 15.54 9.63
CA TYR A 120 4.60 14.87 10.25
C TYR A 120 3.47 14.70 9.23
N MET A 121 2.93 13.49 9.15
CA MET A 121 1.74 13.20 8.37
C MET A 121 0.73 12.56 9.31
N VAL A 122 -0.40 13.24 9.52
CA VAL A 122 -1.42 12.79 10.47
C VAL A 122 -2.53 12.14 9.67
N MET A 123 -2.68 10.81 9.82
CA MET A 123 -3.56 9.97 9.02
C MET A 123 -4.71 9.45 9.89
N GLU A 124 -5.74 8.94 9.22
CA GLU A 124 -6.78 8.24 9.97
C GLU A 124 -6.19 7.04 10.69
N TYR A 125 -6.72 6.74 11.88
CA TYR A 125 -6.31 5.55 12.63
C TYR A 125 -7.28 4.40 12.30
N VAL A 126 -6.72 3.23 12.00
CA VAL A 126 -7.49 2.06 11.59
C VAL A 126 -7.24 0.96 12.62
N PRO A 127 -8.15 0.79 13.60
CA PRO A 127 -7.82 -0.05 14.77
C PRO A 127 -7.79 -1.54 14.51
N GLY A 128 -8.28 -2.00 13.36
CA GLY A 128 -8.26 -3.45 13.09
C GLY A 128 -6.88 -4.03 12.83
N GLY A 129 -5.86 -3.20 12.57
CA GLY A 129 -4.54 -3.73 12.36
C GLY A 129 -4.25 -4.15 10.92
N GLU A 130 -3.06 -4.73 10.74
CA GLU A 130 -2.59 -5.16 9.42
C GLU A 130 -3.19 -6.49 8.99
N MET A 131 -3.48 -6.59 7.69
N MET A 131 -3.46 -6.61 7.69
CA MET A 131 -3.82 -7.88 7.09
CA MET A 131 -3.84 -7.90 7.14
C MET A 131 -2.80 -8.93 7.45
C MET A 131 -2.79 -8.96 7.39
N PHE A 132 -1.52 -8.56 7.47
CA PHE A 132 -0.44 -9.51 7.76
C PHE A 132 -0.68 -10.28 9.06
N SER A 133 -1.04 -9.57 10.14
N SER A 133 -1.07 -9.58 10.13
CA SER A 133 -1.30 -10.20 11.42
CA SER A 133 -1.24 -10.30 11.40
C SER A 133 -2.42 -11.22 11.30
C SER A 133 -2.45 -11.23 11.36
N HIS A 134 -3.53 -10.84 10.67
CA HIS A 134 -4.67 -11.74 10.55
C HIS A 134 -4.36 -12.95 9.67
N LEU A 135 -3.63 -12.75 8.57
CA LEU A 135 -3.20 -13.85 7.71
C LEU A 135 -2.30 -14.83 8.45
N ARG A 136 -1.30 -14.31 9.17
N ARG A 136 -1.31 -14.32 9.19
CA ARG A 136 -0.40 -15.20 9.89
CA ARG A 136 -0.38 -15.22 9.88
C ARG A 136 -1.12 -15.95 11.00
C ARG A 136 -1.07 -15.93 11.04
N ARG A 137 -2.08 -15.30 11.67
CA ARG A 137 -2.82 -15.98 12.73
C ARG A 137 -3.64 -17.14 12.20
N ILE A 138 -4.34 -16.95 11.08
CA ILE A 138 -5.23 -18.01 10.60
C ILE A 138 -4.53 -19.01 9.69
N GLY A 139 -3.40 -18.64 9.10
CA GLY A 139 -2.66 -19.53 8.24
C GLY A 139 -2.86 -19.14 6.78
N ARG A 140 -4.05 -19.39 6.23
CA ARG A 140 -4.34 -18.93 4.88
C ARG A 140 -5.81 -18.51 4.80
N PHE A 141 -6.14 -17.70 3.82
CA PHE A 141 -7.53 -17.30 3.55
C PHE A 141 -8.14 -18.21 2.50
N SEP A 142 -9.45 -18.50 2.63
CA SEP A 142 -10.18 -19.21 1.57
CB SEP A 142 -11.64 -19.43 2.01
OG SEP A 142 -12.33 -18.19 2.08
C SEP A 142 -10.16 -18.36 0.30
O SEP A 142 -9.93 -17.16 0.36
P SEP A 142 -13.77 -18.24 2.82
O1P SEP A 142 -13.54 -18.73 4.32
O2P SEP A 142 -14.37 -16.74 2.77
O3P SEP A 142 -14.70 -19.25 2.06
N GLU A 143 -10.42 -18.95 -0.87
CA GLU A 143 -10.45 -18.14 -2.10
C GLU A 143 -11.47 -16.99 -2.06
N PRO A 144 -12.71 -17.21 -1.55
CA PRO A 144 -13.63 -16.07 -1.46
C PRO A 144 -13.09 -14.93 -0.61
N HIS A 145 -12.42 -15.25 0.50
CA HIS A 145 -11.87 -14.22 1.39
C HIS A 145 -10.72 -13.48 0.68
N ALA A 146 -9.81 -14.23 0.06
CA ALA A 146 -8.73 -13.59 -0.71
C ALA A 146 -9.30 -12.74 -1.84
N ARG A 147 -10.36 -13.20 -2.51
CA ARG A 147 -10.93 -12.49 -3.65
C ARG A 147 -11.56 -11.17 -3.22
N PHE A 148 -12.21 -11.14 -2.05
CA PHE A 148 -12.76 -9.89 -1.52
C PHE A 148 -11.69 -8.81 -1.37
N TYR A 149 -10.56 -9.16 -0.74
CA TYR A 149 -9.46 -8.19 -0.60
C TYR A 149 -8.82 -7.86 -1.96
N ALA A 150 -8.62 -8.88 -2.81
CA ALA A 150 -7.99 -8.66 -4.12
C ALA A 150 -8.80 -7.68 -4.95
N ALA A 151 -10.13 -7.82 -4.93
CA ALA A 151 -10.97 -6.90 -5.72
C ALA A 151 -10.75 -5.45 -5.31
N GLN A 152 -10.61 -5.21 -3.99
CA GLN A 152 -10.35 -3.84 -3.52
C GLN A 152 -9.01 -3.32 -4.03
N ILE A 153 -7.98 -4.17 -4.07
CA ILE A 153 -6.68 -3.75 -4.61
C ILE A 153 -6.78 -3.49 -6.11
N VAL A 154 -7.54 -4.32 -6.85
CA VAL A 154 -7.70 -4.09 -8.30
C VAL A 154 -8.30 -2.71 -8.55
N LEU A 155 -9.40 -2.38 -7.84
CA LEU A 155 -10.02 -1.06 -8.01
C LEU A 155 -9.07 0.08 -7.60
N THR A 156 -8.32 -0.11 -6.51
CA THR A 156 -7.38 0.91 -6.04
C THR A 156 -6.27 1.16 -7.05
N PHE A 157 -5.73 0.10 -7.67
CA PHE A 157 -4.69 0.27 -8.69
C PHE A 157 -5.28 0.86 -9.97
N GLU A 158 -6.52 0.50 -10.34
CA GLU A 158 -7.16 1.16 -11.48
C GLU A 158 -7.22 2.68 -11.26
N TYR A 159 -7.64 3.08 -10.05
CA TYR A 159 -7.68 4.50 -9.69
C TYR A 159 -6.28 5.14 -9.74
N LEU A 160 -5.31 4.57 -9.00
CA LEU A 160 -3.98 5.19 -8.94
C LEU A 160 -3.34 5.26 -10.32
N HIS A 161 -3.40 4.15 -11.08
CA HIS A 161 -2.76 4.14 -12.40
C HIS A 161 -3.40 5.15 -13.35
N SER A 162 -4.72 5.38 -13.22
CA SER A 162 -5.37 6.37 -14.08
C SER A 162 -4.85 7.78 -13.82
N LEU A 163 -4.33 8.06 -12.64
CA LEU A 163 -3.70 9.31 -12.23
C LEU A 163 -2.21 9.34 -12.54
N ASP A 164 -1.70 8.33 -13.24
CA ASP A 164 -0.28 8.16 -13.54
C ASP A 164 0.55 7.93 -12.27
N LEU A 165 -0.02 7.29 -11.25
CA LEU A 165 0.69 6.97 -10.02
C LEU A 165 1.03 5.48 -9.98
N ILE A 166 2.30 5.15 -9.70
N ILE A 166 2.26 5.18 -9.53
CA ILE A 166 2.70 3.77 -9.36
CA ILE A 166 2.79 3.83 -9.34
C ILE A 166 2.81 3.71 -7.84
C ILE A 166 2.98 3.64 -7.83
N TYR A 167 2.36 2.59 -7.26
CA TYR A 167 2.34 2.44 -5.81
C TYR A 167 3.64 1.87 -5.24
N ARG A 168 4.09 0.70 -5.74
CA ARG A 168 5.44 0.16 -5.51
C ARG A 168 5.68 -0.37 -4.09
N ASP A 169 4.66 -0.53 -3.26
CA ASP A 169 4.94 -1.12 -1.94
C ASP A 169 3.85 -2.09 -1.50
N LEU A 170 3.20 -2.78 -2.45
CA LEU A 170 2.17 -3.73 -2.04
C LEU A 170 2.77 -4.91 -1.28
N LYS A 171 2.24 -5.18 -0.09
CA LYS A 171 2.61 -6.29 0.78
C LYS A 171 1.56 -6.35 1.90
N PRO A 172 1.40 -7.50 2.59
CA PRO A 172 0.30 -7.61 3.56
C PRO A 172 0.38 -6.63 4.71
N GLU A 173 1.58 -6.20 5.09
CA GLU A 173 1.74 -5.26 6.20
C GLU A 173 1.15 -3.88 5.89
N ASN A 174 1.00 -3.54 4.60
CA ASN A 174 0.53 -2.21 4.21
C ASN A 174 -0.98 -2.16 3.98
N LEU A 175 -1.71 -3.23 4.28
CA LEU A 175 -3.16 -3.28 4.09
C LEU A 175 -3.79 -3.35 5.46
N LEU A 176 -4.41 -2.27 5.90
CA LEU A 176 -5.06 -2.28 7.21
C LEU A 176 -6.53 -2.68 7.05
N ILE A 177 -7.10 -3.27 8.10
CA ILE A 177 -8.50 -3.73 8.06
C ILE A 177 -9.37 -2.82 8.93
N ASP A 178 -10.38 -2.21 8.31
CA ASP A 178 -11.22 -1.23 9.01
C ASP A 178 -12.37 -1.90 9.77
N GLN A 179 -13.20 -1.08 10.42
CA GLN A 179 -14.24 -1.61 11.30
C GLN A 179 -15.32 -2.39 10.54
N GLN A 180 -15.47 -2.18 9.23
CA GLN A 180 -16.40 -2.93 8.40
C GLN A 180 -15.74 -4.10 7.69
N GLY A 181 -14.46 -4.35 7.98
CA GLY A 181 -13.73 -5.46 7.36
C GLY A 181 -13.14 -5.16 5.99
N TYR A 182 -13.20 -3.90 5.53
CA TYR A 182 -12.61 -3.50 4.25
C TYR A 182 -11.15 -3.05 4.42
N ILE A 183 -10.41 -3.09 3.31
CA ILE A 183 -9.00 -2.70 3.27
C ILE A 183 -8.84 -1.19 3.24
N GLN A 184 -7.80 -0.70 3.93
CA GLN A 184 -7.29 0.65 3.77
C GLN A 184 -5.78 0.54 3.50
N VAL A 185 -5.35 0.92 2.28
CA VAL A 185 -3.92 0.85 1.91
C VAL A 185 -3.19 2.02 2.54
N THR A 186 -2.06 1.73 3.19
CA THR A 186 -1.22 2.75 3.81
C THR A 186 0.21 2.65 3.29
N ASP A 187 1.03 3.64 3.64
CA ASP A 187 2.45 3.73 3.29
C ASP A 187 2.67 4.05 1.82
N PHE A 188 2.65 5.34 1.51
CA PHE A 188 2.95 5.85 0.19
C PHE A 188 4.41 6.26 0.03
N GLY A 189 5.31 5.70 0.86
CA GLY A 189 6.73 6.05 0.84
C GLY A 189 7.45 5.79 -0.48
N PHE A 190 6.97 4.85 -1.29
CA PHE A 190 7.55 4.59 -2.60
C PHE A 190 6.64 5.00 -3.75
N ALA A 191 5.49 5.62 -3.49
CA ALA A 191 4.59 5.97 -4.58
C ALA A 191 5.15 7.13 -5.38
N LYS A 192 4.89 7.14 -6.68
CA LYS A 192 5.49 8.17 -7.54
C LYS A 192 4.56 8.46 -8.71
N ARG A 193 4.50 9.73 -9.13
CA ARG A 193 3.82 10.08 -10.39
C ARG A 193 4.79 9.88 -11.56
N VAL A 194 4.43 8.98 -12.48
CA VAL A 194 5.29 8.48 -13.56
C VAL A 194 4.42 8.32 -14.80
N LYS A 195 4.71 9.04 -15.88
CA LYS A 195 3.92 8.81 -17.09
C LYS A 195 4.49 7.69 -17.96
N GLY A 196 5.81 7.49 -17.93
CA GLY A 196 6.48 6.43 -18.66
C GLY A 196 7.20 5.46 -17.76
N ARG A 197 8.52 5.49 -17.79
CA ARG A 197 9.34 4.57 -17.00
C ARG A 197 9.95 5.26 -15.78
N THR A 198 10.36 4.43 -14.82
CA THR A 198 11.09 4.90 -13.66
C THR A 198 12.13 3.84 -13.31
N TRP A 199 13.13 4.21 -12.50
CA TRP A 199 14.33 3.38 -12.36
C TRP A 199 14.74 2.98 -10.92
N TPO A 200 14.12 3.54 -9.90
CA TPO A 200 14.65 3.34 -8.55
CB TPO A 200 14.03 4.32 -7.52
CG2 TPO A 200 14.76 4.30 -6.18
OG1 TPO A 200 14.13 5.63 -8.00
P TPO A 200 12.69 6.40 -8.42
O1P TPO A 200 11.92 6.57 -7.13
O2P TPO A 200 13.11 7.70 -9.10
O3P TPO A 200 12.00 5.45 -9.38
C TPO A 200 14.45 1.92 -8.04
O TPO A 200 13.32 1.37 -8.12
N LEU A 201 15.47 1.34 -7.42
CA LEU A 201 15.33 0.07 -6.71
C LEU A 201 14.64 0.27 -5.36
N CYS A 202 13.39 -0.20 -5.25
CA CYS A 202 12.67 -0.12 -3.99
C CYS A 202 11.60 -1.20 -3.96
N GLY A 203 11.19 -1.56 -2.73
CA GLY A 203 10.19 -2.59 -2.44
C GLY A 203 10.72 -3.79 -1.66
N THR A 204 9.85 -4.57 -1.02
CA THR A 204 10.33 -5.71 -0.24
C THR A 204 10.65 -6.88 -1.17
N PRO A 205 11.71 -7.66 -0.86
CA PRO A 205 12.19 -8.66 -1.83
C PRO A 205 11.14 -9.61 -2.38
N GLU A 206 10.27 -10.18 -1.54
CA GLU A 206 9.32 -11.19 -2.02
C GLU A 206 8.34 -10.66 -3.05
N TYR A 207 8.14 -9.34 -3.11
CA TYR A 207 7.13 -8.71 -3.96
C TYR A 207 7.69 -8.02 -5.20
N LEU A 208 9.03 -8.03 -5.39
CA LEU A 208 9.62 -7.28 -6.51
C LEU A 208 9.41 -8.00 -7.85
N ALA A 209 9.03 -7.22 -8.88
CA ALA A 209 8.92 -7.76 -10.23
C ALA A 209 10.32 -8.02 -10.82
N PRO A 210 10.42 -8.94 -11.78
CA PRO A 210 11.75 -9.22 -12.35
C PRO A 210 12.43 -8.00 -12.95
N GLU A 211 11.68 -7.10 -13.58
CA GLU A 211 12.30 -5.94 -14.21
C GLU A 211 12.88 -4.96 -13.20
N ILE A 212 12.40 -4.97 -11.94
CA ILE A 212 13.07 -4.19 -10.89
C ILE A 212 14.38 -4.86 -10.49
N ILE A 213 14.35 -6.17 -10.24
CA ILE A 213 15.57 -6.92 -9.88
C ILE A 213 16.65 -6.78 -10.94
N LEU A 214 16.28 -6.74 -12.21
CA LEU A 214 17.23 -6.63 -13.31
C LEU A 214 17.61 -5.19 -13.67
N SER A 215 17.24 -4.21 -12.84
CA SER A 215 17.69 -2.80 -13.00
C SER A 215 17.22 -2.19 -14.33
N LYS A 216 16.03 -2.54 -14.78
CA LYS A 216 15.49 -1.97 -16.00
C LYS A 216 14.69 -0.70 -15.69
N GLY A 217 14.40 0.06 -16.73
CA GLY A 217 13.35 1.08 -16.65
C GLY A 217 12.00 0.39 -16.65
N TYR A 218 11.22 0.56 -15.59
CA TYR A 218 9.99 -0.21 -15.42
C TYR A 218 8.80 0.72 -15.30
N ASN A 219 7.59 0.15 -15.29
CA ASN A 219 6.38 0.97 -15.34
C ASN A 219 5.33 0.39 -14.39
N LYS A 220 4.07 0.78 -14.57
N LYS A 220 4.07 0.78 -14.57
CA LYS A 220 3.00 0.39 -13.67
CA LYS A 220 3.00 0.39 -13.66
C LYS A 220 2.75 -1.11 -13.66
C LYS A 220 2.75 -1.12 -13.66
N ALA A 221 3.27 -1.86 -14.64
CA ALA A 221 3.14 -3.32 -14.62
C ALA A 221 3.72 -3.97 -13.37
N VAL A 222 4.65 -3.29 -12.67
CA VAL A 222 5.20 -3.87 -11.44
C VAL A 222 4.14 -4.00 -10.34
N ASP A 223 3.13 -3.12 -10.34
CA ASP A 223 2.06 -3.22 -9.34
C ASP A 223 1.21 -4.46 -9.60
N TRP A 224 0.96 -4.78 -10.88
CA TRP A 224 0.15 -5.97 -11.19
C TRP A 224 0.90 -7.27 -10.86
N TRP A 225 2.23 -7.30 -11.07
CA TRP A 225 3.04 -8.42 -10.59
C TRP A 225 2.88 -8.58 -9.08
N ALA A 226 3.05 -7.47 -8.35
CA ALA A 226 2.92 -7.52 -6.89
C ALA A 226 1.52 -8.00 -6.46
N LEU A 227 0.45 -7.66 -7.21
CA LEU A 227 -0.88 -8.20 -6.90
C LEU A 227 -0.88 -9.72 -7.02
N GLY A 228 -0.23 -10.27 -8.06
CA GLY A 228 -0.10 -11.72 -8.18
C GLY A 228 0.55 -12.34 -6.95
N VAL A 229 1.65 -11.74 -6.45
CA VAL A 229 2.30 -12.23 -5.24
C VAL A 229 1.34 -12.18 -4.05
N LEU A 230 0.62 -11.06 -3.90
CA LEU A 230 -0.29 -10.91 -2.76
C LEU A 230 -1.40 -11.95 -2.79
N ILE A 231 -2.03 -12.15 -3.95
CA ILE A 231 -3.10 -13.16 -4.06
C ILE A 231 -2.57 -14.56 -3.74
N TYR A 232 -1.40 -14.91 -4.30
CA TYR A 232 -0.80 -16.22 -3.97
C TYR A 232 -0.58 -16.36 -2.47
N GLU A 233 0.01 -15.34 -1.83
CA GLU A 233 0.30 -15.43 -0.40
C GLU A 233 -0.98 -15.50 0.45
N MET A 234 -2.01 -14.71 0.11
CA MET A 234 -3.27 -14.84 0.84
C MET A 234 -3.86 -16.24 0.74
N ALA A 235 -3.83 -16.85 -0.45
CA ALA A 235 -4.50 -18.14 -0.67
C ALA A 235 -3.66 -19.34 -0.26
N ALA A 236 -2.32 -19.20 -0.23
CA ALA A 236 -1.40 -20.28 0.17
C ALA A 236 -0.95 -20.19 1.62
N GLY A 237 -0.79 -18.96 2.14
CA GLY A 237 -0.19 -18.72 3.43
C GLY A 237 1.29 -18.37 3.42
N TYR A 238 1.92 -18.37 2.24
CA TYR A 238 3.34 -18.07 2.06
C TYR A 238 3.50 -17.57 0.64
N PRO A 239 4.57 -16.82 0.34
CA PRO A 239 4.69 -16.20 -0.98
C PRO A 239 5.30 -17.15 -2.00
N PRO A 240 5.10 -16.89 -3.30
CA PRO A 240 5.46 -17.88 -4.32
C PRO A 240 6.96 -18.07 -4.56
N PHE A 241 7.80 -17.07 -4.24
CA PHE A 241 9.22 -17.15 -4.53
C PHE A 241 10.03 -17.26 -3.24
N PHE A 242 9.41 -17.82 -2.19
CA PHE A 242 10.02 -17.83 -0.88
C PHE A 242 11.38 -18.53 -0.87
N ALA A 243 12.33 -17.92 -0.18
CA ALA A 243 13.62 -18.54 0.11
C ALA A 243 14.22 -17.83 1.31
N ASP A 244 15.29 -18.42 1.89
CA ASP A 244 15.84 -17.95 3.16
C ASP A 244 16.60 -16.63 3.01
N GLN A 245 17.20 -16.35 1.86
CA GLN A 245 17.96 -15.12 1.68
C GLN A 245 17.53 -14.39 0.42
N PRO A 246 17.68 -13.05 0.40
CA PRO A 246 17.25 -12.29 -0.79
C PRO A 246 17.84 -12.77 -2.10
N ILE A 247 19.14 -13.10 -2.16
CA ILE A 247 19.71 -13.51 -3.45
C ILE A 247 18.95 -14.71 -4.01
N GLN A 248 18.56 -15.64 -3.13
CA GLN A 248 17.82 -16.81 -3.59
C GLN A 248 16.38 -16.46 -3.96
N ILE A 249 15.77 -15.50 -3.25
CA ILE A 249 14.45 -15.02 -3.67
C ILE A 249 14.54 -14.42 -5.07
N TYR A 250 15.55 -13.57 -5.30
CA TYR A 250 15.67 -12.91 -6.60
C TYR A 250 15.88 -13.91 -7.73
N GLU A 251 16.69 -14.95 -7.49
CA GLU A 251 16.86 -16.00 -8.50
C GLU A 251 15.53 -16.66 -8.85
N LYS A 252 14.70 -16.93 -7.84
CA LYS A 252 13.43 -17.60 -8.13
C LYS A 252 12.49 -16.68 -8.91
N ILE A 253 12.44 -15.40 -8.53
CA ILE A 253 11.60 -14.43 -9.22
C ILE A 253 11.93 -14.37 -10.71
N VAL A 254 13.22 -14.26 -11.05
CA VAL A 254 13.59 -14.07 -12.45
C VAL A 254 13.43 -15.35 -13.26
N SER A 255 13.54 -16.51 -12.62
N SER A 255 13.23 -16.51 -12.61
CA SER A 255 13.20 -17.75 -13.28
CA SER A 255 13.29 -17.81 -13.29
C SER A 255 11.71 -17.80 -13.55
C SER A 255 12.13 -18.07 -14.24
N GLY A 256 10.91 -17.21 -12.65
N GLY A 256 10.95 -17.53 -13.97
CA GLY A 256 9.48 -17.21 -12.82
CA GLY A 256 9.79 -17.84 -14.80
C GLY A 256 8.82 -18.53 -12.51
C GLY A 256 9.03 -19.09 -14.43
N LYS A 257 9.59 -19.55 -12.13
N LYS A 257 9.22 -19.60 -13.20
CA LYS A 257 9.04 -20.86 -11.85
CA LYS A 257 8.55 -20.80 -12.72
C LYS A 257 8.23 -20.79 -10.55
C LYS A 257 7.94 -20.55 -11.34
N VAL A 258 6.93 -21.10 -10.65
N VAL A 258 6.85 -21.29 -11.04
CA VAL A 258 6.00 -21.00 -9.55
CA VAL A 258 6.12 -21.19 -9.77
C VAL A 258 5.23 -22.30 -9.43
C VAL A 258 5.51 -22.57 -9.52
N ARG A 259 5.25 -22.89 -8.25
CA ARG A 259 4.55 -24.13 -7.92
C ARG A 259 3.27 -23.76 -7.19
N PHE A 260 2.14 -24.26 -7.67
CA PHE A 260 0.90 -23.91 -7.00
C PHE A 260 0.43 -25.05 -6.11
N PRO A 261 -0.08 -24.77 -4.90
CA PRO A 261 -0.69 -25.84 -4.10
C PRO A 261 -1.84 -26.50 -4.85
N SER A 262 -1.99 -27.82 -4.66
N SER A 262 -2.00 -27.82 -4.63
CA SER A 262 -3.09 -28.52 -5.33
CA SER A 262 -3.09 -28.56 -5.26
C SER A 262 -4.47 -28.01 -4.91
C SER A 262 -4.45 -27.99 -4.92
N HIS A 263 -4.60 -27.40 -3.73
CA HIS A 263 -5.91 -26.89 -3.35
C HIS A 263 -6.32 -25.63 -4.11
N PHE A 264 -5.40 -24.93 -4.81
CA PHE A 264 -5.80 -23.80 -5.64
C PHE A 264 -6.77 -24.26 -6.74
N SER A 265 -7.81 -23.46 -6.97
CA SER A 265 -8.68 -23.71 -8.11
C SER A 265 -7.94 -23.49 -9.44
N SER A 266 -8.45 -24.14 -10.50
CA SER A 266 -7.86 -23.91 -11.82
C SER A 266 -7.94 -22.45 -12.24
N ASP A 267 -9.06 -21.77 -11.93
CA ASP A 267 -9.19 -20.36 -12.26
C ASP A 267 -8.14 -19.52 -11.54
N LEU A 268 -7.87 -19.82 -10.27
CA LEU A 268 -6.86 -19.07 -9.53
C LEU A 268 -5.48 -19.25 -10.16
N LYS A 269 -5.12 -20.50 -10.49
N LYS A 269 -5.11 -20.51 -10.46
CA LYS A 269 -3.81 -20.75 -11.11
CA LYS A 269 -3.82 -20.77 -11.13
C LYS A 269 -3.68 -20.02 -12.45
C LYS A 269 -3.70 -19.98 -12.42
N ASP A 270 -4.76 -19.98 -13.23
CA ASP A 270 -4.68 -19.27 -14.51
C ASP A 270 -4.48 -17.78 -14.31
N LEU A 271 -5.24 -17.16 -13.40
CA LEU A 271 -5.04 -15.73 -13.13
C LEU A 271 -3.61 -15.46 -12.69
N LEU A 272 -3.09 -16.29 -11.78
CA LEU A 272 -1.75 -16.07 -11.24
C LEU A 272 -0.66 -16.24 -12.31
N ARG A 273 -0.81 -17.20 -13.23
N ARG A 273 -0.81 -17.21 -13.23
CA ARG A 273 0.19 -17.32 -14.30
CA ARG A 273 0.17 -17.33 -14.31
C ARG A 273 0.23 -16.07 -15.17
C ARG A 273 0.23 -16.07 -15.16
N ASN A 274 -0.90 -15.38 -15.31
CA ASN A 274 -0.96 -14.17 -16.12
C ASN A 274 -0.52 -12.90 -15.38
N LEU A 275 -0.65 -12.86 -14.05
CA LEU A 275 -0.10 -11.75 -13.27
C LEU A 275 1.39 -11.92 -12.99
N LEU A 276 1.82 -13.16 -12.71
CA LEU A 276 3.23 -13.51 -12.46
C LEU A 276 3.93 -13.88 -13.76
N GLN A 277 3.63 -13.15 -14.82
CA GLN A 277 4.27 -13.30 -16.12
C GLN A 277 5.58 -12.49 -16.12
N VAL A 278 6.71 -13.17 -16.33
N VAL A 278 6.71 -13.18 -16.32
CA VAL A 278 8.01 -12.50 -16.26
CA VAL A 278 8.01 -12.51 -16.28
C VAL A 278 8.21 -11.51 -17.42
C VAL A 278 8.13 -11.46 -17.38
N ASP A 279 7.60 -11.75 -18.58
CA ASP A 279 7.66 -10.79 -19.68
C ASP A 279 6.61 -9.72 -19.44
N LEU A 280 7.04 -8.50 -19.12
CA LEU A 280 6.10 -7.46 -18.73
C LEU A 280 5.16 -7.09 -19.87
N THR A 281 5.57 -7.33 -21.13
CA THR A 281 4.72 -7.00 -22.27
C THR A 281 3.57 -7.99 -22.45
N LYS A 282 3.57 -9.09 -21.67
CA LYS A 282 2.51 -10.11 -21.72
C LYS A 282 1.72 -10.20 -20.44
N ARG A 283 1.97 -9.33 -19.48
CA ARG A 283 1.42 -9.45 -18.14
C ARG A 283 0.04 -8.81 -18.05
N PHE A 284 -0.91 -9.52 -17.43
CA PHE A 284 -2.25 -8.96 -17.23
C PHE A 284 -2.16 -7.63 -16.47
N GLY A 285 -3.00 -6.69 -16.90
CA GLY A 285 -2.93 -5.34 -16.42
C GLY A 285 -2.14 -4.44 -17.34
N ASN A 286 -1.28 -5.02 -18.19
CA ASN A 286 -0.38 -4.28 -19.07
C ASN A 286 -0.64 -4.56 -20.55
N LEU A 287 -1.81 -5.13 -20.89
CA LEU A 287 -2.18 -5.43 -22.27
C LEU A 287 -3.11 -4.35 -22.79
N LYS A 288 -3.58 -4.54 -24.04
CA LYS A 288 -4.42 -3.52 -24.68
C LYS A 288 -5.70 -3.26 -23.87
N ASN A 289 -6.28 -4.30 -23.28
CA ASN A 289 -7.49 -4.12 -22.49
C ASN A 289 -7.23 -3.71 -21.06
N GLY A 290 -5.97 -3.50 -20.68
CA GLY A 290 -5.65 -2.99 -19.35
C GLY A 290 -6.27 -3.78 -18.20
N VAL A 291 -6.87 -3.04 -17.25
CA VAL A 291 -7.38 -3.69 -16.05
C VAL A 291 -8.53 -4.63 -16.36
N ASN A 292 -9.20 -4.45 -17.50
CA ASN A 292 -10.37 -5.30 -17.78
C ASN A 292 -10.02 -6.77 -18.01
N ASP A 293 -8.79 -7.10 -18.43
CA ASP A 293 -8.40 -8.50 -18.48
C ASP A 293 -8.44 -9.15 -17.09
N ILE A 294 -8.17 -8.36 -16.04
CA ILE A 294 -8.27 -8.88 -14.67
C ILE A 294 -9.72 -8.90 -14.20
N LYS A 295 -10.43 -7.79 -14.37
CA LYS A 295 -11.80 -7.72 -13.86
C LYS A 295 -12.71 -8.76 -14.52
N ASN A 296 -12.46 -9.12 -15.79
CA ASN A 296 -13.28 -10.06 -16.53
C ASN A 296 -12.80 -11.50 -16.42
N HIS A 297 -11.72 -11.76 -15.68
CA HIS A 297 -11.21 -13.11 -15.56
C HIS A 297 -12.19 -13.98 -14.79
N LYS A 298 -12.25 -15.27 -15.17
CA LYS A 298 -13.13 -16.23 -14.48
C LYS A 298 -12.98 -16.26 -12.96
N TRP A 299 -11.77 -16.02 -12.42
CA TRP A 299 -11.63 -16.09 -10.97
C TRP A 299 -12.48 -15.02 -10.29
N PHE A 300 -12.73 -13.90 -10.99
CA PHE A 300 -13.54 -12.81 -10.46
C PHE A 300 -15.00 -12.87 -10.94
N ALA A 301 -15.48 -14.00 -11.48
CA ALA A 301 -16.83 -13.99 -12.05
C ALA A 301 -17.92 -13.68 -11.03
N THR A 302 -17.74 -14.05 -9.76
CA THR A 302 -18.75 -13.77 -8.73
C THR A 302 -18.65 -12.35 -8.15
N THR A 303 -17.67 -11.55 -8.55
CA THR A 303 -17.44 -10.23 -7.96
C THR A 303 -18.33 -9.20 -8.62
N ASP A 304 -19.07 -8.45 -7.80
CA ASP A 304 -19.86 -7.30 -8.24
C ASP A 304 -18.97 -6.08 -7.96
N TRP A 305 -18.29 -5.60 -9.01
CA TRP A 305 -17.31 -4.52 -8.84
C TRP A 305 -17.94 -3.26 -8.26
N ILE A 306 -19.15 -2.91 -8.70
CA ILE A 306 -19.81 -1.71 -8.17
C ILE A 306 -20.14 -1.89 -6.69
N ALA A 307 -20.63 -3.07 -6.30
CA ALA A 307 -20.99 -3.30 -4.91
C ALA A 307 -19.77 -3.25 -4.00
N ILE A 308 -18.61 -3.73 -4.48
CA ILE A 308 -17.37 -3.62 -3.69
C ILE A 308 -17.01 -2.15 -3.51
N TYR A 309 -16.99 -1.38 -4.61
CA TYR A 309 -16.66 0.05 -4.52
C TYR A 309 -17.58 0.78 -3.56
N GLN A 310 -18.88 0.47 -3.61
CA GLN A 310 -19.90 1.09 -2.76
C GLN A 310 -19.90 0.54 -1.33
N ARG A 311 -19.05 -0.44 -1.02
CA ARG A 311 -18.96 -1.06 0.31
C ARG A 311 -20.27 -1.70 0.76
N LYS A 312 -20.96 -2.35 -0.18
CA LYS A 312 -22.22 -3.02 0.11
C LYS A 312 -22.09 -4.52 0.32
N VAL A 313 -20.92 -5.10 0.03
CA VAL A 313 -20.69 -6.52 0.24
C VAL A 313 -20.37 -6.77 1.71
N GLU A 314 -20.95 -7.81 2.31
CA GLU A 314 -20.59 -8.18 3.67
C GLU A 314 -19.18 -8.75 3.68
N ALA A 315 -18.33 -8.24 4.57
CA ALA A 315 -16.94 -8.68 4.60
C ALA A 315 -16.84 -10.08 5.22
N PRO A 316 -15.77 -10.82 4.90
CA PRO A 316 -15.62 -12.17 5.47
C PRO A 316 -15.19 -12.15 6.92
N PHE A 317 -14.68 -11.03 7.41
CA PHE A 317 -14.01 -10.99 8.70
C PHE A 317 -14.13 -9.57 9.25
N ILE A 318 -14.63 -9.45 10.47
CA ILE A 318 -14.71 -8.17 11.16
C ILE A 318 -13.67 -8.19 12.28
N PRO A 319 -12.70 -7.29 12.29
CA PRO A 319 -11.66 -7.33 13.33
C PRO A 319 -12.27 -7.01 14.70
N LYS A 320 -11.70 -7.64 15.74
CA LYS A 320 -12.15 -7.42 17.10
C LYS A 320 -11.36 -6.28 17.74
N PHE A 321 -12.07 -5.29 18.26
CA PHE A 321 -11.42 -4.18 18.97
C PHE A 321 -12.50 -3.47 19.75
N LYS A 322 -12.10 -2.74 20.78
CA LYS A 322 -13.05 -2.18 21.73
C LYS A 322 -13.51 -0.76 21.41
N GLY A 323 -12.78 -0.03 20.58
CA GLY A 323 -13.11 1.34 20.28
C GLY A 323 -11.99 1.99 19.51
N PRO A 324 -12.14 3.28 19.17
CA PRO A 324 -11.14 3.95 18.33
C PRO A 324 -9.80 4.21 19.01
N GLY A 325 -9.71 4.01 20.32
CA GLY A 325 -8.43 4.11 20.98
C GLY A 325 -7.78 2.78 21.27
N ASP A 326 -8.39 1.66 20.87
CA ASP A 326 -7.84 0.34 21.18
C ASP A 326 -6.63 0.06 20.28
N THR A 327 -5.48 -0.26 20.90
CA THR A 327 -4.24 -0.59 20.19
C THR A 327 -3.92 -2.08 20.20
N SER A 328 -4.84 -2.94 20.63
N SER A 328 -4.86 -2.94 20.63
CA SER A 328 -4.55 -4.36 20.83
CA SER A 328 -4.60 -4.36 20.82
C SER A 328 -4.20 -5.10 19.54
C SER A 328 -4.20 -5.08 19.54
N ASN A 329 -4.57 -4.58 18.36
CA ASN A 329 -4.23 -5.26 17.13
C ASN A 329 -2.91 -4.81 16.53
N PHE A 330 -2.18 -3.93 17.23
CA PHE A 330 -0.82 -3.56 16.88
C PHE A 330 0.11 -4.04 17.98
N ASP A 331 1.41 -4.03 17.70
CA ASP A 331 2.33 -4.65 18.63
C ASP A 331 3.10 -3.62 19.47
N ASP A 332 3.98 -4.11 20.35
CA ASP A 332 4.62 -3.27 21.36
C ASP A 332 6.06 -2.93 20.98
N TYR A 333 6.42 -1.65 21.10
CA TYR A 333 7.76 -1.15 20.77
C TYR A 333 8.29 -0.31 21.92
N GLU A 334 9.62 -0.24 22.03
CA GLU A 334 10.19 0.68 23.02
C GLU A 334 9.72 2.11 22.73
N GLU A 335 9.29 2.81 23.77
CA GLU A 335 8.76 4.17 23.63
C GLU A 335 9.89 5.19 23.72
N GLU A 336 10.15 5.90 22.61
CA GLU A 336 11.27 6.83 22.51
C GLU A 336 10.76 8.28 22.42
N GLU A 337 11.61 9.22 22.85
CA GLU A 337 11.25 10.65 22.82
C GLU A 337 11.00 11.12 21.39
N ILE A 338 10.14 12.16 21.23
CA ILE A 338 10.04 12.97 20.00
C ILE A 338 10.68 14.32 20.30
N ARG A 339 11.92 14.48 19.90
CA ARG A 339 12.68 15.70 20.19
C ARG A 339 12.55 16.70 19.05
N VAL A 340 12.48 17.98 19.40
CA VAL A 340 12.46 19.03 18.40
C VAL A 340 13.61 20.00 18.72
N SEP A 341 14.55 20.13 17.80
CA SEP A 341 15.74 20.95 18.06
CB SEP A 341 16.80 20.66 16.98
OG SEP A 341 17.87 21.59 17.08
C SEP A 341 15.38 22.43 18.09
O SEP A 341 14.39 22.85 17.51
P SEP A 341 19.05 21.11 18.07
O1P SEP A 341 20.38 21.78 17.48
O2P SEP A 341 18.62 21.65 19.52
O3P SEP A 341 19.17 19.50 18.07
N ILE A 342 16.18 23.24 18.80
CA ILE A 342 15.98 24.70 18.74
C ILE A 342 16.55 25.33 17.47
N ASN A 343 17.30 24.55 16.67
CA ASN A 343 17.84 24.99 15.38
C ASN A 343 17.17 24.21 14.27
N GLU A 344 16.88 24.87 13.15
CA GLU A 344 16.23 24.22 12.02
C GLU A 344 17.22 23.31 11.28
N LYS A 345 16.78 22.08 10.96
CA LYS A 345 17.61 21.12 10.23
C LYS A 345 17.03 20.91 8.83
N CYS A 346 17.89 20.94 7.81
CA CYS A 346 17.51 20.51 6.46
C CYS A 346 16.36 21.33 5.90
N GLY A 347 16.34 22.63 6.19
CA GLY A 347 15.23 23.46 5.73
C GLY A 347 15.11 23.50 4.22
N LYS A 348 16.23 23.68 3.53
CA LYS A 348 16.20 23.77 2.08
C LYS A 348 15.62 22.52 1.43
N GLU A 349 16.05 21.34 1.91
CA GLU A 349 15.66 20.09 1.28
C GLU A 349 14.16 19.88 1.33
N PHE A 350 13.50 20.35 2.39
CA PHE A 350 12.08 20.09 2.61
C PHE A 350 11.21 21.33 2.47
N THR A 351 11.71 22.37 1.76
CA THR A 351 10.96 23.61 1.58
C THR A 351 9.52 23.35 1.14
N GLU A 352 9.30 22.40 0.21
CA GLU A 352 7.97 22.25 -0.35
C GLU A 352 7.02 21.46 0.55
N PHE A 353 7.53 20.78 1.58
CA PHE A 353 6.67 19.95 2.44
C PHE A 353 5.70 20.83 3.24
O1 PG4 B . 4.47 23.41 -5.95
C1 PG4 B . 4.77 22.06 -6.21
C2 PG4 B . 6.12 21.69 -5.65
O2 PG4 B . 7.14 22.14 -6.50
C3 PG4 B . 8.44 21.91 -6.01
C4 PG4 B . 9.46 22.63 -6.87
O3 PG4 B . 9.29 22.30 -8.22
C5 PG4 B . 10.47 22.19 -8.96
C6 PG4 B . 10.15 21.61 -10.32
O4 PG4 B . 10.02 20.22 -10.23
C7 PG4 B . 9.64 19.59 -11.44
C8 PG4 B . 9.64 18.09 -11.26
O5 PG4 B . 8.67 17.71 -10.31
C4 D8J C . -1.08 4.05 9.30
C5 D8J C . -0.12 3.16 9.69
C6 D8J C . 1.17 3.05 8.91
N1 D8J C . 7.40 0.74 9.52
C7 D8J C . 3.47 2.06 8.63
C8 D8J C . 4.74 2.76 9.12
C9 D8J C . 5.97 2.40 8.31
C10 D8J C . 7.05 2.15 9.37
C11 D8J C . 6.48 2.81 10.62
F D8J C . -3.65 3.36 11.75
C2 D8J C . -2.49 3.32 11.06
C1 D8J C . -1.55 2.44 11.47
C3 D8J C . -2.28 4.14 9.99
C D8J C . -0.37 2.35 10.79
O D8J C . 1.26 3.61 7.83
N D8J C . 2.22 2.26 9.39
O1 D8J C . 5.07 2.51 10.52
O2 D8J C . 6.35 3.42 7.39
S DMS D . 7.28 15.84 -6.00
O DMS D . 6.85 17.26 -5.65
C1 DMS D . 7.69 15.84 -7.76
C2 DMS D . 8.98 15.68 -5.39
S DMS E . -14.87 2.33 -9.84
O DMS E . -13.83 3.27 -9.27
C1 DMS E . -16.35 3.33 -10.14
C2 DMS E . -14.40 2.09 -11.57
S DMS F . 6.37 -9.38 3.03
O DMS F . 7.30 -10.22 2.17
C1 DMS F . 5.46 -10.43 4.18
C2 DMS F . 7.44 -8.51 4.20
S DMS G . -7.20 -9.14 19.84
O DMS G . -7.96 -7.89 19.44
C1 DMS G . -7.21 -10.25 18.42
C2 DMS G . -5.44 -8.75 19.80
S DMS H . 4.46 15.32 21.60
O DMS H . 4.96 13.99 22.12
C1 DMS H . 2.81 15.01 20.93
C2 DMS H . 3.91 16.26 23.05
S DMS I . 19.87 -11.77 -10.20
O DMS I . 18.49 -12.34 -10.36
C1 DMS I . 20.19 -10.71 -11.62
C2 DMS I . 19.79 -10.46 -8.96
S DMS J . -2.04 25.56 11.63
O DMS J . -0.80 25.26 12.43
C1 DMS J . -3.43 25.43 12.76
C2 DMS J . -2.08 27.36 11.40
S DMS K . 18.87 -6.11 -6.57
O DMS K . 19.23 -5.08 -7.63
C1 DMS K . 19.88 -7.57 -6.91
C2 DMS K . 19.72 -5.62 -5.05
S DMS L . -5.60 21.21 14.70
O DMS L . -4.11 21.34 14.69
C1 DMS L . -6.43 22.46 15.72
C2 DMS L . -6.15 21.93 13.12
#